data_4Y7B
#
_entry.id   4Y7B
#
_cell.length_a   56.742
_cell.length_b   72.635
_cell.length_c   79.862
_cell.angle_alpha   90.000
_cell.angle_beta   90.000
_cell.angle_gamma   90.000
#
_symmetry.space_group_name_H-M   'P 21 21 21'
#
loop_
_entity.id
_entity.type
_entity.pdbx_description
1 polymer 'Coagulation factor X'
2 polymer 'Coagulation factor X'
3 non-polymer 'CALCIUM ION'
4 non-polymer '6-chloro-N-{(3S)-1-[(2S)-1-{(1R,5S)-7-[2-(methylamino)ethyl]-3,7-diazabicyclo[3.3.1]non-3-yl}-1-oxopropan-2-yl]-2-oxopy rrolidin-3-yl}naphthalene-2-sulfonamide'
5 water water
#
loop_
_entity_poly.entity_id
_entity_poly.type
_entity_poly.pdbx_seq_one_letter_code
_entity_poly.pdbx_strand_id
1 'polypeptide(L)'
;IVGGQECKDGECPWQALLINEENEGFCGGTILSEFYILTAAHCLYQAKRFKVRVGDRNTEQEEGGEAVHEVEVVIKHNRF
TKETYDFDIAVLRLKTPITFRMNVAPACLPERDWAESTLMTQKTGIVSGFGRTHEKGRQSTRLKMLEVPYVDRNSCKLSS
SFIITQNMFCAGYDTKQEDACQGDSGGPHVTRFKDTYFVTGIVSWGEGCARKGKYGIYTKVTAFLKWIDRSMKTRGLPKA
KSHAPEVITSSPLK
;
A
2 'polypeptide(L)'
;EEMKKGHLERECMEETCSYEEAREVFEDSDKTNEFWNKYKDGDQCETSPCQNQGKCKDGLGEYTCTCLEGFEGKNCELFT
RKLCSLDNGDCDQFCHEEQNSVVCSCARGYTLADNGKACIPTGPYPCGKQTLER
;
B
#
loop_
_chem_comp.id
_chem_comp.type
_chem_comp.name
_chem_comp.formula
44I non-polymer '6-chloro-N-{(3S)-1-[(2S)-1-{(1R,5S)-7-[2-(methylamino)ethyl]-3,7-diazabicyclo[3.3.1]non-3-yl}-1-oxopropan-2-yl]-2-oxopy rrolidin-3-yl}naphthalene-2-sulfonamide' 'C27 H36 Cl N5 O4 S'
CA non-polymer 'CALCIUM ION' 'Ca 2'
#
# COMPACT_ATOMS: atom_id res chain seq x y z
N ILE A 1 -11.95 -5.12 -6.37
CA ILE A 1 -11.29 -4.49 -7.55
C ILE A 1 -12.16 -4.67 -8.81
N VAL A 2 -12.52 -3.55 -9.44
CA VAL A 2 -13.28 -3.55 -10.69
C VAL A 2 -12.28 -3.44 -11.82
N GLY A 3 -12.31 -4.40 -12.75
CA GLY A 3 -11.37 -4.41 -13.87
C GLY A 3 -10.05 -4.99 -13.38
N GLY A 4 -8.95 -4.59 -14.00
CA GLY A 4 -7.63 -5.09 -13.60
C GLY A 4 -7.38 -6.55 -13.96
N GLN A 5 -6.46 -7.18 -13.23
CA GLN A 5 -6.03 -8.56 -13.50
C GLN A 5 -5.87 -9.36 -12.20
N GLU A 6 -5.77 -10.68 -12.31
CA GLU A 6 -5.45 -11.51 -11.15
C GLU A 6 -4.01 -11.26 -10.75
N CYS A 7 -3.71 -11.32 -9.46
CA CYS A 7 -2.32 -11.33 -9.04
C CYS A 7 -1.83 -12.74 -9.35
N LYS A 8 -0.79 -12.85 -10.18
CA LYS A 8 -0.20 -14.15 -10.51
C LYS A 8 0.79 -14.59 -9.40
N ASP A 9 1.27 -15.84 -9.48
CA ASP A 9 2.14 -16.42 -8.44
C ASP A 9 3.29 -15.47 -8.08
N GLY A 10 3.35 -15.09 -6.80
CA GLY A 10 4.41 -14.21 -6.29
C GLY A 10 4.33 -12.71 -6.58
N GLU A 11 3.28 -12.27 -7.29
CA GLU A 11 3.18 -10.85 -7.72
C GLU A 11 2.71 -9.83 -6.69
N CYS A 12 1.96 -10.27 -5.68
CA CYS A 12 1.39 -9.37 -4.69
C CYS A 12 1.66 -9.93 -3.27
N PRO A 13 2.94 -10.19 -2.94
CA PRO A 13 3.21 -10.91 -1.69
C PRO A 13 2.94 -10.16 -0.39
N TRP A 14 2.82 -8.83 -0.47
CA TRP A 14 2.52 -7.93 0.68
C TRP A 14 1.05 -7.81 1.04
N GLN A 15 0.16 -8.44 0.28
CA GLN A 15 -1.28 -8.36 0.57
C GLN A 15 -1.64 -9.10 1.85
N ALA A 16 -2.39 -8.46 2.74
CA ALA A 16 -2.97 -9.12 3.91
C ALA A 16 -4.49 -9.01 3.82
N LEU A 17 -5.20 -9.95 4.46
CA LEU A 17 -6.67 -9.93 4.49
C LEU A 17 -7.17 -10.03 5.93
N LEU A 18 -8.01 -9.08 6.36
CA LEU A 18 -8.60 -9.12 7.71
C LEU A 18 -9.82 -10.01 7.61
N ILE A 19 -9.86 -11.06 8.43
CA ILE A 19 -10.95 -12.05 8.40
C ILE A 19 -11.72 -12.09 9.72
N ASN A 20 -13.05 -12.17 9.62
CA ASN A 20 -13.92 -12.24 10.79
C ASN A 20 -14.00 -13.67 11.38
N GLU A 21 -14.86 -13.85 12.38
CA GLU A 21 -15.04 -15.16 13.03
C GLU A 21 -15.57 -16.26 12.10
N GLU A 22 -16.21 -15.87 11.00
CA GLU A 22 -16.72 -16.80 9.99
C GLU A 22 -15.68 -17.11 8.91
N ASN A 23 -14.46 -16.61 9.09
CA ASN A 23 -13.35 -16.76 8.12
C ASN A 23 -13.61 -16.05 6.78
N GLU A 24 -14.35 -14.94 6.85
CA GLU A 24 -14.67 -14.15 5.66
C GLU A 24 -13.89 -12.83 5.69
N GLY A 25 -13.28 -12.49 4.55
CA GLY A 25 -12.54 -11.22 4.45
C GLY A 25 -13.50 -10.03 4.48
N PHE A 26 -13.11 -8.96 5.16
CA PHE A 26 -13.93 -7.73 5.20
C PHE A 26 -13.11 -6.45 4.90
N CYS A 27 -11.79 -6.59 4.87
CA CYS A 27 -10.87 -5.47 4.60
C CYS A 27 -9.48 -6.06 4.26
N GLY A 28 -8.63 -5.25 3.62
CA GLY A 28 -7.26 -5.66 3.31
C GLY A 28 -6.26 -5.01 4.26
N GLY A 29 -4.97 -5.29 4.02
CA GLY A 29 -3.86 -4.71 4.76
C GLY A 29 -2.59 -4.86 3.95
N THR A 30 -1.50 -4.23 4.41
CA THR A 30 -0.19 -4.36 3.79
C THR A 30 0.84 -4.86 4.82
N ILE A 31 1.59 -5.90 4.47
CA ILE A 31 2.66 -6.44 5.33
C ILE A 31 3.81 -5.42 5.33
N LEU A 32 4.16 -4.91 6.51
CA LEU A 32 5.28 -3.97 6.64
C LEU A 32 6.56 -4.62 7.18
N SER A 33 6.40 -5.67 7.98
CA SER A 33 7.53 -6.41 8.59
C SER A 33 7.00 -7.72 9.16
N GLU A 34 7.85 -8.52 9.80
CA GLU A 34 7.39 -9.79 10.33
C GLU A 34 6.31 -9.64 11.41
N PHE A 35 6.29 -8.50 12.09
CA PHE A 35 5.32 -8.26 13.18
C PHE A 35 4.20 -7.24 12.90
N TYR A 36 4.30 -6.45 11.83
CA TYR A 36 3.33 -5.37 11.61
C TYR A 36 2.56 -5.34 10.30
N ILE A 37 1.27 -5.00 10.41
CA ILE A 37 0.34 -4.83 9.29
C ILE A 37 -0.20 -3.39 9.23
N LEU A 38 -0.18 -2.79 8.05
CA LEU A 38 -0.80 -1.47 7.83
C LEU A 38 -2.24 -1.63 7.33
N THR A 39 -3.19 -0.88 7.89
CA THR A 39 -4.59 -0.95 7.44
C THR A 39 -5.31 0.40 7.65
N ALA A 40 -6.61 0.44 7.35
CA ALA A 40 -7.42 1.65 7.52
C ALA A 40 -8.10 1.62 8.89
N ALA A 41 -8.07 2.75 9.59
CA ALA A 41 -8.75 2.87 10.89
C ALA A 41 -10.24 2.55 10.79
N HIS A 42 -10.89 2.92 9.68
CA HIS A 42 -12.34 2.68 9.52
C HIS A 42 -12.72 1.21 9.49
N CYS A 43 -11.76 0.36 9.14
CA CYS A 43 -11.97 -1.10 9.11
C CYS A 43 -12.16 -1.73 10.49
N LEU A 44 -11.67 -1.04 11.52
CA LEU A 44 -11.70 -1.55 12.89
C LEU A 44 -13.08 -1.53 13.57
N TYR A 45 -14.07 -0.96 12.89
CA TYR A 45 -15.44 -0.91 13.42
C TYR A 45 -16.37 -1.82 12.60
N GLN A 46 -15.78 -2.72 11.80
CA GLN A 46 -16.55 -3.60 10.91
C GLN A 46 -16.53 -5.08 11.28
N ALA A 47 -16.09 -5.39 12.50
CA ALA A 47 -16.05 -6.76 13.04
C ALA A 47 -15.67 -6.72 14.52
N LYS A 48 -16.29 -7.57 15.32
CA LYS A 48 -15.99 -7.66 16.75
C LYS A 48 -14.57 -8.16 16.97
N ARG A 49 -14.31 -9.40 16.58
CA ARG A 49 -12.97 -9.96 16.69
C ARG A 49 -12.51 -10.38 15.29
N PHE A 50 -11.23 -10.22 15.01
CA PHE A 50 -10.69 -10.57 13.70
C PHE A 50 -9.25 -11.07 13.78
N LYS A 51 -8.81 -11.77 12.72
CA LYS A 51 -7.45 -12.26 12.58
C LYS A 51 -6.92 -11.75 11.23
N VAL A 52 -5.66 -12.05 10.92
CA VAL A 52 -5.06 -11.61 9.65
C VAL A 52 -4.56 -12.84 8.87
N ARG A 53 -4.92 -12.92 7.59
CA ARG A 53 -4.44 -14.02 6.72
C ARG A 53 -3.49 -13.47 5.63
N VAL A 54 -2.40 -14.18 5.40
CA VAL A 54 -1.40 -13.81 4.39
C VAL A 54 -1.09 -15.03 3.51
N GLY A 55 -0.48 -14.79 2.35
CA GLY A 55 -0.07 -15.87 1.44
C GLY A 55 -1.21 -16.57 0.70
N ASP A 56 -2.30 -15.84 0.46
CA ASP A 56 -3.51 -16.41 -0.15
C ASP A 56 -3.84 -15.67 -1.46
N ARG A 57 -4.17 -16.41 -2.52
CA ARG A 57 -4.59 -15.79 -3.82
C ARG A 57 -5.95 -16.30 -4.30
N ASN A 58 -6.38 -17.43 -3.76
CA ASN A 58 -7.68 -18.06 -4.10
C ASN A 58 -8.32 -18.61 -2.81
N THR A 59 -9.41 -17.98 -2.36
CA THR A 59 -10.07 -18.38 -1.12
C THR A 59 -10.82 -19.73 -1.18
N GLU A 60 -10.90 -20.32 -2.38
CA GLU A 60 -11.60 -21.60 -2.56
C GLU A 60 -10.72 -22.86 -2.65
N GLN A 61 -9.42 -22.69 -2.54
CA GLN A 61 -8.47 -23.81 -2.63
C GLN A 61 -7.25 -23.58 -1.74
N GLU A 62 -6.64 -24.65 -1.25
CA GLU A 62 -5.42 -24.52 -0.44
C GLU A 62 -4.20 -24.59 -1.37
N GLU A 63 -3.46 -23.50 -1.43
CA GLU A 63 -2.34 -23.33 -2.36
C GLU A 63 -1.00 -23.76 -1.76
N GLY A 64 -0.91 -23.76 -0.42
CA GLY A 64 0.30 -24.19 0.29
C GLY A 64 1.04 -23.11 1.05
N GLY A 65 0.72 -21.85 0.78
CA GLY A 65 1.41 -20.75 1.43
C GLY A 65 0.60 -19.96 2.44
N GLU A 66 -0.66 -20.33 2.65
CA GLU A 66 -1.54 -19.56 3.56
C GLU A 66 -1.11 -19.64 5.03
N ALA A 67 -1.25 -18.52 5.75
CA ALA A 67 -0.95 -18.46 7.19
C ALA A 67 -1.85 -17.46 7.88
N VAL A 68 -2.52 -17.91 8.94
CA VAL A 68 -3.39 -17.04 9.74
C VAL A 68 -2.63 -16.60 11.01
N HIS A 69 -2.72 -15.31 11.32
CA HIS A 69 -2.06 -14.71 12.48
C HIS A 69 -3.01 -13.98 13.38
N GLU A 70 -2.88 -14.22 14.68
CA GLU A 70 -3.69 -13.50 15.67
C GLU A 70 -3.10 -12.11 15.95
N VAL A 71 -3.97 -11.16 16.29
CA VAL A 71 -3.56 -9.77 16.57
C VAL A 71 -3.32 -9.55 18.08
N GLU A 72 -2.14 -9.05 18.44
CA GLU A 72 -1.77 -8.73 19.83
C GLU A 72 -2.18 -7.30 20.26
N VAL A 73 -1.95 -6.32 19.40
CA VAL A 73 -2.25 -4.92 19.71
C VAL A 73 -2.79 -4.19 18.47
N VAL A 74 -3.85 -3.40 18.67
CA VAL A 74 -4.40 -2.55 17.61
C VAL A 74 -3.96 -1.10 17.89
N ILE A 75 -3.31 -0.46 16.92
CA ILE A 75 -2.85 0.92 17.07
C ILE A 75 -3.54 1.83 16.04
N LYS A 76 -4.65 2.42 16.46
CA LYS A 76 -5.45 3.30 15.60
C LYS A 76 -5.01 4.76 15.79
N HIS A 77 -5.00 5.56 14.72
CA HIS A 77 -4.60 6.96 14.87
C HIS A 77 -5.60 7.66 15.74
N ASN A 78 -5.13 8.38 16.76
CA ASN A 78 -6.03 9.05 17.69
C ASN A 78 -6.86 10.21 17.12
N ARG A 79 -6.49 10.71 15.94
CA ARG A 79 -7.23 11.79 15.29
C ARG A 79 -8.21 11.31 14.19
N PHE A 80 -8.38 9.99 14.07
CA PHE A 80 -9.33 9.44 13.10
C PHE A 80 -10.74 9.93 13.40
N THR A 81 -11.49 10.29 12.36
CA THR A 81 -12.87 10.73 12.52
C THR A 81 -13.80 10.16 11.45
N LYS A 82 -14.86 9.50 11.90
CA LYS A 82 -15.85 8.87 11.02
C LYS A 82 -16.58 9.86 10.11
N GLU A 83 -16.61 11.13 10.53
CA GLU A 83 -17.32 12.17 9.81
C GLU A 83 -16.76 12.41 8.41
N THR A 84 -15.43 12.45 8.31
CA THR A 84 -14.76 12.75 7.04
C THR A 84 -13.75 11.69 6.58
N TYR A 85 -13.45 10.72 7.44
CA TYR A 85 -12.40 9.71 7.19
C TYR A 85 -10.98 10.28 7.20
N ASP A 86 -10.82 11.48 7.77
CA ASP A 86 -9.51 12.09 7.95
C ASP A 86 -8.70 11.20 8.93
N PHE A 87 -7.40 11.07 8.70
CA PHE A 87 -6.51 10.22 9.52
C PHE A 87 -6.96 8.73 9.50
N ASP A 88 -7.32 8.22 8.31
CA ASP A 88 -7.81 6.83 8.16
C ASP A 88 -6.61 5.86 8.06
N ILE A 89 -6.01 5.56 9.20
CA ILE A 89 -4.81 4.73 9.28
C ILE A 89 -4.68 4.04 10.64
N ALA A 90 -4.23 2.79 10.61
CA ALA A 90 -3.99 2.00 11.82
C ALA A 90 -2.87 1.01 11.54
N VAL A 91 -2.18 0.59 12.61
CA VAL A 91 -1.15 -0.44 12.50
C VAL A 91 -1.49 -1.57 13.47
N LEU A 92 -1.29 -2.81 13.04
CA LEU A 92 -1.57 -3.99 13.88
C LEU A 92 -0.27 -4.72 14.22
N ARG A 93 -0.04 -5.02 15.50
CA ARG A 93 1.09 -5.88 15.89
C ARG A 93 0.55 -7.30 16.05
N LEU A 94 1.22 -8.27 15.44
CA LEU A 94 0.81 -9.67 15.49
C LEU A 94 1.42 -10.43 16.68
N LYS A 95 0.69 -11.43 17.17
CA LYS A 95 1.16 -12.26 18.29
C LYS A 95 2.40 -13.09 17.94
N THR A 96 2.42 -13.63 16.71
CA THR A 96 3.53 -14.45 16.20
C THR A 96 4.09 -13.83 14.89
N PRO A 97 5.41 -13.98 14.64
CA PRO A 97 6.00 -13.35 13.44
C PRO A 97 5.65 -14.07 12.13
N ILE A 98 5.47 -13.30 11.05
CA ILE A 98 5.19 -13.84 9.72
C ILE A 98 6.47 -14.46 9.17
N THR A 99 6.38 -15.71 8.69
CA THR A 99 7.53 -16.38 8.07
C THR A 99 7.50 -16.12 6.56
N PHE A 100 8.41 -15.27 6.08
CA PHE A 100 8.42 -14.91 4.65
C PHE A 100 8.73 -16.16 3.79
N ARG A 101 8.10 -16.22 2.62
CA ARG A 101 8.20 -17.33 1.66
C ARG A 101 7.53 -16.92 0.34
N MET A 102 7.36 -17.86 -0.59
CA MET A 102 6.65 -17.56 -1.84
C MET A 102 5.26 -17.00 -1.48
N ASN A 103 4.88 -15.86 -2.08
CA ASN A 103 3.62 -15.15 -1.81
C ASN A 103 3.47 -14.42 -0.45
N VAL A 104 4.56 -14.36 0.33
CA VAL A 104 4.55 -13.69 1.64
C VAL A 104 5.83 -12.86 1.83
N ALA A 105 5.75 -11.55 1.63
CA ALA A 105 6.91 -10.64 1.79
C ALA A 105 6.45 -9.20 2.05
N PRO A 106 7.28 -8.37 2.72
CA PRO A 106 6.83 -7.01 3.00
C PRO A 106 7.03 -6.03 1.85
N ALA A 107 6.23 -4.96 1.81
CA ALA A 107 6.44 -3.85 0.89
C ALA A 107 7.40 -2.87 1.60
N CYS A 108 8.17 -2.08 0.85
CA CYS A 108 9.10 -1.11 1.47
C CYS A 108 8.44 0.21 1.88
N LEU A 109 8.87 0.76 3.02
CA LEU A 109 8.45 2.09 3.44
C LEU A 109 9.47 3.05 2.83
N PRO A 110 9.00 4.08 2.09
CA PRO A 110 9.91 5.06 1.49
C PRO A 110 10.19 6.22 2.46
N GLU A 111 11.09 7.14 2.09
CA GLU A 111 11.31 8.38 2.86
C GLU A 111 10.32 9.40 2.28
N ARG A 112 9.81 10.30 3.12
CA ARG A 112 8.79 11.27 2.70
C ARG A 112 9.13 12.15 1.47
N ASP A 113 10.23 12.92 1.55
CA ASP A 113 10.51 13.88 0.48
C ASP A 113 10.69 13.21 -0.88
N TRP A 114 11.49 12.15 -0.90
CA TRP A 114 11.74 11.39 -2.12
C TRP A 114 10.48 10.76 -2.68
N ALA A 115 9.64 10.19 -1.83
CA ALA A 115 8.39 9.57 -2.33
C ALA A 115 7.43 10.61 -2.95
N GLU A 116 7.30 11.77 -2.30
CA GLU A 116 6.44 12.83 -2.82
C GLU A 116 6.96 13.44 -4.15
N SER A 117 8.28 13.61 -4.24
N SER A 117 8.28 13.63 -4.23
N SER A 117 8.27 13.62 -4.25
CA SER A 117 8.88 14.20 -5.45
CA SER A 117 8.93 14.17 -5.42
CA SER A 117 8.88 14.19 -5.45
C SER A 117 9.07 13.19 -6.59
C SER A 117 9.04 13.19 -6.58
C SER A 117 9.04 13.19 -6.60
N THR A 118 9.35 11.93 -6.25
CA THR A 118 9.64 10.90 -7.27
C THR A 118 8.65 9.76 -7.48
N LEU A 119 8.05 9.23 -6.40
CA LEU A 119 7.07 8.14 -6.57
C LEU A 119 5.68 8.65 -6.93
N MET A 120 5.23 9.70 -6.25
CA MET A 120 3.87 10.21 -6.48
C MET A 120 3.74 11.05 -7.76
N THR A 121 4.88 11.24 -8.44
CA THR A 121 4.90 11.93 -9.73
C THR A 121 5.05 10.93 -10.88
N GLN A 122 5.08 9.62 -10.56
CA GLN A 122 5.08 8.55 -11.59
C GLN A 122 3.68 8.57 -12.23
N LYS A 123 3.52 7.92 -13.37
CA LYS A 123 2.21 7.90 -14.05
C LYS A 123 1.15 7.12 -13.26
N THR A 124 1.56 6.00 -12.69
CA THR A 124 0.60 5.13 -11.97
C THR A 124 1.11 4.51 -10.67
N GLY A 125 0.15 4.05 -9.87
CA GLY A 125 0.38 3.22 -8.70
C GLY A 125 -0.39 1.92 -8.91
N ILE A 126 -0.31 0.99 -7.97
CA ILE A 126 -0.99 -0.29 -8.08
C ILE A 126 -1.83 -0.59 -6.84
N VAL A 127 -3.12 -0.85 -7.02
CA VAL A 127 -4.01 -1.17 -5.90
C VAL A 127 -4.41 -2.66 -5.99
N SER A 128 -4.62 -3.30 -4.85
CA SER A 128 -4.94 -4.73 -4.85
C SER A 128 -5.94 -5.14 -3.75
N GLY A 129 -6.64 -6.25 -3.96
CA GLY A 129 -7.56 -6.77 -2.95
C GLY A 129 -8.54 -7.83 -3.40
N PHE A 130 -9.29 -8.33 -2.42
CA PHE A 130 -10.34 -9.36 -2.62
C PHE A 130 -11.75 -8.75 -2.66
N GLY A 131 -11.84 -7.42 -2.76
CA GLY A 131 -13.14 -6.72 -2.80
C GLY A 131 -14.03 -6.99 -4.02
N ARG A 132 -15.21 -6.38 -4.05
CA ARG A 132 -16.18 -6.54 -5.14
C ARG A 132 -15.62 -6.22 -6.53
N THR A 133 -16.06 -6.97 -7.53
CA THR A 133 -15.60 -6.77 -8.91
C THR A 133 -16.50 -5.81 -9.71
N HIS A 134 -17.53 -5.31 -9.03
CA HIS A 134 -18.41 -4.23 -9.51
C HIS A 134 -19.26 -3.76 -8.36
N GLU A 135 -19.68 -2.49 -8.41
CA GLU A 135 -20.36 -1.82 -7.29
C GLU A 135 -21.40 -2.64 -6.52
N LYS A 136 -22.25 -3.38 -7.23
CA LYS A 136 -23.33 -4.13 -6.56
C LYS A 136 -23.09 -5.64 -6.53
N GLY A 137 -21.88 -6.05 -6.91
CA GLY A 137 -21.53 -7.47 -6.97
C GLY A 137 -21.12 -8.11 -5.66
N ARG A 138 -20.59 -9.32 -5.76
CA ARG A 138 -20.13 -10.08 -4.61
C ARG A 138 -18.61 -9.91 -4.49
N GLN A 139 -18.04 -10.28 -3.35
CA GLN A 139 -16.58 -10.20 -3.19
C GLN A 139 -15.85 -11.21 -4.08
N SER A 140 -14.62 -10.89 -4.47
CA SER A 140 -13.83 -11.78 -5.32
C SER A 140 -13.21 -12.93 -4.53
N THR A 141 -13.23 -14.13 -5.10
CA THR A 141 -12.57 -15.29 -4.47
C THR A 141 -11.10 -15.31 -4.91
N ARG A 142 -10.75 -14.42 -5.86
CA ARG A 142 -9.39 -14.31 -6.38
C ARG A 142 -8.79 -12.95 -6.04
N LEU A 143 -7.53 -12.94 -5.61
CA LEU A 143 -6.82 -11.68 -5.35
C LEU A 143 -6.54 -10.98 -6.67
N LYS A 144 -6.96 -9.71 -6.78
CA LYS A 144 -6.77 -8.92 -8.00
C LYS A 144 -5.89 -7.69 -7.78
N MET A 145 -5.26 -7.22 -8.86
CA MET A 145 -4.45 -5.98 -8.84
C MET A 145 -4.86 -5.08 -10.01
N LEU A 146 -4.61 -3.78 -9.87
CA LEU A 146 -5.00 -2.79 -10.87
C LEU A 146 -4.07 -1.59 -10.91
N GLU A 147 -3.59 -1.22 -12.10
CA GLU A 147 -2.81 0.02 -12.23
C GLU A 147 -3.78 1.21 -12.20
N VAL A 148 -3.50 2.19 -11.33
CA VAL A 148 -4.35 3.38 -11.18
C VAL A 148 -3.53 4.67 -11.37
N PRO A 149 -3.90 5.50 -12.36
CA PRO A 149 -3.15 6.75 -12.52
C PRO A 149 -3.27 7.68 -11.31
N TYR A 150 -2.19 8.38 -10.99
CA TYR A 150 -2.27 9.45 -10.00
C TYR A 150 -3.13 10.58 -10.62
N VAL A 151 -3.99 11.19 -9.80
CA VAL A 151 -4.90 12.24 -10.31
C VAL A 151 -4.55 13.62 -9.76
N ASP A 152 -4.57 14.63 -10.65
CA ASP A 152 -4.30 16.03 -10.30
C ASP A 152 -5.13 16.42 -9.08
N ARG A 153 -4.48 17.01 -8.08
CA ARG A 153 -5.15 17.36 -6.82
C ARG A 153 -6.34 18.34 -6.97
N ASN A 154 -6.17 19.34 -7.84
CA ASN A 154 -7.26 20.28 -8.10
C ASN A 154 -8.44 19.57 -8.80
N SER A 155 -8.14 18.71 -9.78
CA SER A 155 -9.19 17.99 -10.50
C SER A 155 -9.97 17.10 -9.55
N CYS A 156 -9.27 16.48 -8.61
CA CYS A 156 -9.94 15.62 -7.65
C CYS A 156 -10.86 16.39 -6.71
N LYS A 157 -10.39 17.53 -6.22
CA LYS A 157 -11.20 18.36 -5.32
C LYS A 157 -12.48 18.84 -6.02
N LEU A 158 -12.35 19.22 -7.30
CA LEU A 158 -13.51 19.64 -8.10
C LEU A 158 -14.54 18.53 -8.33
N SER A 159 -14.06 17.29 -8.46
CA SER A 159 -14.91 16.12 -8.72
C SER A 159 -15.67 15.60 -7.49
N SER A 160 -15.18 15.96 -6.29
CA SER A 160 -15.68 15.38 -5.03
C SER A 160 -16.78 16.16 -4.29
N SER A 161 -17.81 15.43 -3.87
CA SER A 161 -18.91 16.00 -3.08
C SER A 161 -18.52 16.17 -1.63
N PHE A 162 -17.42 15.54 -1.24
CA PHE A 162 -16.97 15.53 0.16
C PHE A 162 -15.53 16.00 0.28
N ILE A 163 -15.18 16.58 1.43
CA ILE A 163 -13.85 17.16 1.62
C ILE A 163 -12.66 16.21 1.45
N ILE A 164 -11.64 16.70 0.75
CA ILE A 164 -10.36 15.98 0.52
C ILE A 164 -9.33 16.69 1.39
N THR A 165 -8.99 16.08 2.52
CA THR A 165 -8.04 16.66 3.47
C THR A 165 -6.59 16.53 3.01
N GLN A 166 -5.68 17.17 3.75
CA GLN A 166 -4.22 17.11 3.51
C GLN A 166 -3.67 15.67 3.65
N ASN A 167 -4.48 14.80 4.28
CA ASN A 167 -4.13 13.39 4.55
C ASN A 167 -4.68 12.39 3.52
N MET A 168 -5.15 12.90 2.38
CA MET A 168 -5.75 12.10 1.33
C MET A 168 -5.21 12.48 -0.06
N PHE A 169 -5.27 11.54 -1.00
CA PHE A 169 -4.96 11.79 -2.41
C PHE A 169 -5.88 10.95 -3.29
N CYS A 170 -5.94 11.29 -4.58
CA CYS A 170 -6.85 10.61 -5.48
C CYS A 170 -6.13 9.83 -6.57
N ALA A 171 -6.71 8.71 -7.00
CA ALA A 171 -6.15 7.87 -8.06
C ALA A 171 -7.27 7.14 -8.77
N GLY A 172 -7.05 6.83 -10.04
CA GLY A 172 -8.04 6.10 -10.83
C GLY A 172 -8.36 6.76 -12.15
N TYR A 173 -9.60 6.58 -12.60
CA TYR A 173 -10.03 7.05 -13.91
C TYR A 173 -11.30 7.90 -13.84
N ASP A 174 -11.44 8.81 -14.81
CA ASP A 174 -12.62 9.66 -14.93
C ASP A 174 -13.84 8.82 -15.32
N THR A 175 -13.78 8.16 -16.49
CA THR A 175 -14.89 7.34 -16.98
C THR A 175 -14.58 5.84 -17.18
N LYS A 176 -13.30 5.48 -17.33
CA LYS A 176 -12.95 4.06 -17.54
C LYS A 176 -13.41 3.22 -16.35
N GLN A 177 -14.03 2.06 -16.63
CA GLN A 177 -14.58 1.20 -15.57
C GLN A 177 -13.56 0.34 -14.80
N GLU A 178 -12.66 1.00 -14.10
CA GLU A 178 -11.64 0.35 -13.26
C GLU A 178 -11.46 1.19 -12.01
N ASP A 179 -11.49 0.54 -10.85
CA ASP A 179 -11.41 1.21 -9.53
C ASP A 179 -11.30 0.16 -8.43
N ALA A 180 -11.02 0.58 -7.20
CA ALA A 180 -11.12 -0.32 -6.05
C ALA A 180 -12.62 -0.32 -5.70
N CYS A 181 -13.02 -1.17 -4.74
CA CYS A 181 -14.43 -1.23 -4.35
C CYS A 181 -14.62 -1.78 -2.92
N GLN A 182 -15.87 -2.02 -2.53
CA GLN A 182 -16.19 -2.52 -1.19
C GLN A 182 -15.39 -3.78 -0.84
N GLY A 183 -14.79 -3.79 0.34
CA GLY A 183 -13.96 -4.93 0.78
C GLY A 183 -12.47 -4.76 0.50
N ASP A 184 -12.13 -3.80 -0.35
CA ASP A 184 -10.71 -3.50 -0.67
C ASP A 184 -10.11 -2.54 0.36
N SER A 185 -10.97 -1.85 1.12
CA SER A 185 -10.55 -0.88 2.14
C SER A 185 -9.42 -1.41 3.05
N GLY A 186 -8.45 -0.56 3.36
CA GLY A 186 -7.31 -0.92 4.21
C GLY A 186 -6.17 -1.60 3.47
N GLY A 187 -6.41 -1.98 2.21
CA GLY A 187 -5.43 -2.68 1.38
C GLY A 187 -4.30 -1.81 0.84
N PRO A 188 -3.31 -2.43 0.15
CA PRO A 188 -2.18 -1.68 -0.37
C PRO A 188 -2.39 -0.84 -1.64
N HIS A 189 -1.76 0.33 -1.65
CA HIS A 189 -1.53 1.15 -2.85
C HIS A 189 -0.03 1.24 -2.85
N VAL A 190 0.63 0.65 -3.85
CA VAL A 190 2.09 0.65 -3.94
C VAL A 190 2.53 1.28 -5.27
N THR A 191 3.76 1.81 -5.29
CA THR A 191 4.33 2.40 -6.50
C THR A 191 5.66 1.69 -6.84
N ARG A 192 5.78 1.29 -8.11
CA ARG A 192 6.96 0.57 -8.59
C ARG A 192 8.04 1.58 -9.02
N PHE A 193 9.28 1.32 -8.63
CA PHE A 193 10.44 2.15 -9.03
C PHE A 193 11.66 1.23 -9.16
N LYS A 194 12.18 1.10 -10.39
CA LYS A 194 13.31 0.18 -10.69
C LYS A 194 13.09 -1.22 -10.07
N ASP A 195 11.93 -1.78 -10.35
CA ASP A 195 11.56 -3.15 -9.93
C ASP A 195 11.49 -3.37 -8.42
N THR A 196 11.32 -2.28 -7.65
CA THR A 196 11.13 -2.36 -6.19
C THR A 196 9.82 -1.62 -5.87
N TYR A 197 8.97 -2.24 -5.04
CA TYR A 197 7.64 -1.71 -4.72
C TYR A 197 7.58 -1.04 -3.34
N PHE A 198 7.18 0.23 -3.34
CA PHE A 198 7.09 1.04 -2.11
C PHE A 198 5.64 1.38 -1.76
N VAL A 199 5.31 1.29 -0.46
CA VAL A 199 3.95 1.67 0.02
C VAL A 199 3.72 3.17 -0.16
N THR A 200 2.63 3.54 -0.85
CA THR A 200 2.29 4.94 -1.10
C THR A 200 0.88 5.33 -0.65
N GLY A 201 0.03 4.35 -0.35
CA GLY A 201 -1.33 4.69 0.06
C GLY A 201 -2.09 3.56 0.73
N ILE A 202 -3.25 3.91 1.29
CA ILE A 202 -4.14 2.92 1.90
C ILE A 202 -5.54 3.12 1.27
N VAL A 203 -6.14 2.04 0.76
CA VAL A 203 -7.50 2.13 0.17
C VAL A 203 -8.44 2.70 1.23
N SER A 204 -9.10 3.83 0.94
CA SER A 204 -9.92 4.51 1.98
C SER A 204 -11.42 4.63 1.67
N TRP A 205 -11.79 5.39 0.64
CA TRP A 205 -13.21 5.57 0.30
C TRP A 205 -13.45 6.02 -1.12
N GLY A 206 -14.73 6.03 -1.53
CA GLY A 206 -15.11 6.48 -2.89
C GLY A 206 -16.62 6.64 -2.99
N GLU A 207 -17.08 7.54 -3.86
CA GLU A 207 -18.54 7.72 -4.07
C GLU A 207 -19.02 6.61 -5.02
N GLY A 208 -19.26 5.42 -4.48
CA GLY A 208 -19.56 4.23 -5.26
C GLY A 208 -18.25 3.65 -5.78
N CYS A 209 -18.31 2.87 -6.85
CA CYS A 209 -17.12 2.26 -7.45
C CYS A 209 -17.12 2.49 -8.96
N ALA A 210 -16.01 3.03 -9.47
CA ALA A 210 -15.82 3.29 -10.91
C ALA A 210 -16.90 4.17 -11.57
N ARG A 211 -17.53 5.03 -10.79
CA ARG A 211 -18.57 5.94 -11.30
C ARG A 211 -17.95 7.04 -12.15
N LYS A 212 -18.67 7.45 -13.20
CA LYS A 212 -18.19 8.52 -14.07
C LYS A 212 -18.01 9.83 -13.29
N GLY A 213 -16.88 10.49 -13.52
CA GLY A 213 -16.57 11.75 -12.85
C GLY A 213 -16.14 11.65 -11.39
N LYS A 214 -15.86 10.43 -10.93
CA LYS A 214 -15.44 10.18 -9.54
C LYS A 214 -14.15 9.34 -9.51
N TYR A 215 -13.30 9.56 -8.51
CA TYR A 215 -12.03 8.83 -8.38
C TYR A 215 -11.98 8.05 -7.07
N GLY A 216 -10.93 7.24 -6.90
CA GLY A 216 -10.74 6.51 -5.63
C GLY A 216 -9.95 7.40 -4.69
N ILE A 217 -10.31 7.42 -3.41
CA ILE A 217 -9.63 8.25 -2.44
C ILE A 217 -8.80 7.37 -1.51
N TYR A 218 -7.52 7.73 -1.36
CA TYR A 218 -6.56 6.95 -0.59
C TYR A 218 -5.93 7.76 0.54
N THR A 219 -5.63 7.10 1.66
CA THR A 219 -4.88 7.75 2.74
C THR A 219 -3.43 8.03 2.25
N LYS A 220 -2.97 9.27 2.45
CA LYS A 220 -1.62 9.69 2.04
C LYS A 220 -0.56 9.17 3.03
N VAL A 221 -0.03 7.97 2.76
CA VAL A 221 0.98 7.33 3.62
C VAL A 221 2.22 8.21 3.92
N THR A 222 2.64 9.02 2.95
CA THR A 222 3.83 9.88 3.12
C THR A 222 3.71 10.94 4.23
N ALA A 223 2.48 11.33 4.54
CA ALA A 223 2.20 12.26 5.64
C ALA A 223 2.29 11.57 7.00
N PHE A 224 2.32 10.22 6.98
CA PHE A 224 2.31 9.42 8.22
C PHE A 224 3.55 8.55 8.49
N LEU A 225 4.66 8.83 7.80
CA LEU A 225 5.87 8.02 7.96
C LEU A 225 6.49 8.05 9.37
N LYS A 226 6.51 9.23 9.99
CA LYS A 226 7.01 9.34 11.37
C LYS A 226 6.07 8.61 12.34
N TRP A 227 4.77 8.75 12.11
CA TRP A 227 3.76 8.07 12.93
C TRP A 227 3.87 6.55 12.85
N ILE A 228 4.04 6.04 11.63
CA ILE A 228 4.24 4.60 11.39
C ILE A 228 5.51 4.11 12.11
N ASP A 229 6.61 4.82 11.94
CA ASP A 229 7.87 4.47 12.63
C ASP A 229 7.71 4.37 14.16
N ARG A 230 6.98 5.32 14.76
CA ARG A 230 6.75 5.30 16.21
C ARG A 230 5.88 4.13 16.64
N SER A 231 4.83 3.86 15.88
CA SER A 231 3.90 2.78 16.20
C SER A 231 4.57 1.40 16.11
N MET A 232 5.59 1.28 15.26
CA MET A 232 6.32 0.03 15.06
C MET A 232 7.42 -0.24 16.08
N LYS A 233 7.58 0.67 17.04
CA LYS A 233 8.58 0.51 18.11
C LYS A 233 7.94 0.17 19.45
N THR A 234 6.61 0.36 19.53
CA THR A 234 5.85 0.08 20.74
C THR A 234 4.42 -0.34 20.38
N ARG B 81 16.86 20.39 -15.08
CA ARG B 81 16.90 19.15 -14.23
C ARG B 81 18.33 18.79 -13.86
N LYS B 82 18.67 18.98 -12.58
CA LYS B 82 20.02 18.69 -12.06
C LYS B 82 19.96 17.81 -10.81
N LEU B 83 21.06 17.10 -10.54
CA LEU B 83 21.18 16.24 -9.36
C LEU B 83 20.02 15.23 -9.26
N CYS B 84 19.27 15.23 -8.14
CA CYS B 84 18.18 14.27 -7.96
C CYS B 84 17.02 14.34 -8.97
N SER B 85 16.84 15.49 -9.62
N SER B 85 16.85 15.49 -9.62
CA SER B 85 15.79 15.63 -10.63
CA SER B 85 15.79 15.66 -10.62
C SER B 85 16.22 15.04 -11.97
C SER B 85 16.25 15.17 -12.00
N LEU B 86 17.52 14.79 -12.12
CA LEU B 86 18.07 14.23 -13.34
C LEU B 86 18.26 12.73 -13.15
N ASP B 87 17.26 11.98 -13.61
CA ASP B 87 17.23 10.52 -13.53
C ASP B 87 17.52 9.97 -12.14
N ASN B 88 16.91 10.57 -11.13
CA ASN B 88 17.08 10.14 -9.74
C ASN B 88 18.54 10.19 -9.26
N GLY B 89 19.36 11.04 -9.89
CA GLY B 89 20.78 11.17 -9.51
C GLY B 89 21.59 9.89 -9.69
N ASP B 90 21.09 8.98 -10.53
CA ASP B 90 21.70 7.65 -10.79
C ASP B 90 21.53 6.64 -9.61
N CYS B 91 20.75 7.03 -8.58
CA CYS B 91 20.51 6.18 -7.39
C CYS B 91 19.49 5.07 -7.67
N ASP B 92 19.68 3.90 -7.06
CA ASP B 92 18.69 2.79 -7.13
C ASP B 92 17.39 3.16 -6.42
N GLN B 93 17.53 3.78 -5.24
CA GLN B 93 16.39 4.09 -4.38
C GLN B 93 16.37 5.57 -3.96
N PHE B 94 16.55 5.87 -2.67
CA PHE B 94 16.45 7.27 -2.21
C PHE B 94 17.58 8.17 -2.73
N CYS B 95 17.23 9.41 -3.10
CA CYS B 95 18.20 10.43 -3.55
C CYS B 95 17.97 11.71 -2.76
N HIS B 96 19.05 12.28 -2.24
CA HIS B 96 18.98 13.63 -1.63
C HIS B 96 20.16 14.51 -2.03
N GLU B 97 19.93 15.82 -2.04
CA GLU B 97 20.95 16.78 -2.43
C GLU B 97 21.62 17.44 -1.23
N GLU B 98 22.94 17.41 -1.20
CA GLU B 98 23.72 18.04 -0.14
C GLU B 98 24.88 18.81 -0.75
N GLN B 99 24.88 20.13 -0.54
CA GLN B 99 25.95 21.03 -0.97
C GLN B 99 26.33 20.87 -2.45
N ASN B 100 25.32 20.88 -3.30
CA ASN B 100 25.49 20.75 -4.76
C ASN B 100 25.99 19.35 -5.21
N SER B 101 25.60 18.32 -4.46
CA SER B 101 25.99 16.94 -4.77
CA SER B 101 25.97 16.94 -4.82
C SER B 101 24.91 15.93 -4.38
N VAL B 102 24.82 14.83 -5.13
CA VAL B 102 23.86 13.75 -4.88
C VAL B 102 24.35 12.77 -3.81
N VAL B 103 23.46 12.44 -2.88
CA VAL B 103 23.72 11.40 -1.87
C VAL B 103 22.62 10.32 -1.98
N CYS B 104 23.00 9.07 -2.29
CA CYS B 104 22.03 7.98 -2.43
C CYS B 104 21.92 7.18 -1.13
N SER B 105 20.75 6.60 -0.89
CA SER B 105 20.55 5.71 0.27
C SER B 105 19.49 4.65 -0.08
N CYS B 106 19.24 3.74 0.86
CA CYS B 106 18.35 2.60 0.61
C CYS B 106 17.35 2.34 1.73
N ALA B 107 16.27 1.61 1.41
CA ALA B 107 15.25 1.17 2.38
C ALA B 107 15.85 0.21 3.42
N ARG B 108 15.17 0.08 4.55
CA ARG B 108 15.61 -0.81 5.61
C ARG B 108 15.68 -2.25 5.07
N GLY B 109 16.79 -2.93 5.35
CA GLY B 109 17.02 -4.29 4.84
C GLY B 109 17.88 -4.35 3.58
N TYR B 110 18.37 -3.19 3.15
CA TYR B 110 19.29 -3.09 2.00
C TYR B 110 20.51 -2.32 2.47
N THR B 111 21.66 -2.59 1.86
CA THR B 111 22.88 -1.83 2.14
C THR B 111 23.36 -1.20 0.84
N LEU B 112 23.92 0.01 0.95
CA LEU B 112 24.43 0.71 -0.22
C LEU B 112 25.69 0.01 -0.72
N ALA B 113 25.77 -0.23 -2.03
CA ALA B 113 26.91 -0.90 -2.65
C ALA B 113 28.16 -0.03 -2.62
N ASP B 114 29.29 -0.63 -3.02
CA ASP B 114 30.58 0.05 -3.04
C ASP B 114 30.59 1.30 -3.93
N ASN B 115 29.77 1.30 -5.00
CA ASN B 115 29.70 2.46 -5.89
C ASN B 115 28.88 3.64 -5.34
N GLY B 116 28.29 3.43 -4.16
CA GLY B 116 27.48 4.45 -3.48
C GLY B 116 26.16 4.78 -4.15
N LYS B 117 25.69 3.89 -5.04
CA LYS B 117 24.46 4.12 -5.80
C LYS B 117 23.47 2.96 -5.75
N ALA B 118 23.97 1.75 -5.97
CA ALA B 118 23.11 0.56 -5.98
C ALA B 118 22.75 0.12 -4.56
N CYS B 119 21.59 -0.54 -4.42
CA CYS B 119 21.11 -1.07 -3.14
C CYS B 119 21.13 -2.62 -3.18
N ILE B 120 21.77 -3.24 -2.19
CA ILE B 120 21.91 -4.71 -2.13
C ILE B 120 21.15 -5.26 -0.93
N PRO B 121 20.28 -6.27 -1.15
CA PRO B 121 19.50 -6.87 -0.04
C PRO B 121 20.41 -7.55 0.98
N THR B 122 20.16 -7.33 2.26
CA THR B 122 20.99 -7.92 3.31
C THR B 122 20.65 -9.40 3.56
N GLY B 123 19.37 -9.73 3.48
CA GLY B 123 18.92 -11.10 3.75
C GLY B 123 17.85 -11.60 2.80
N PRO B 124 17.30 -12.81 3.06
CA PRO B 124 16.26 -13.39 2.21
C PRO B 124 14.95 -12.57 2.26
N TYR B 125 14.14 -12.65 1.20
CA TYR B 125 12.85 -11.95 1.11
C TYR B 125 12.92 -10.45 1.51
N PRO B 126 13.77 -9.66 0.81
CA PRO B 126 13.86 -8.22 1.11
C PRO B 126 12.56 -7.49 0.75
N CYS B 127 12.31 -6.36 1.39
CA CYS B 127 11.07 -5.61 1.09
C CYS B 127 10.98 -5.18 -0.36
N GLY B 128 9.74 -5.12 -0.86
CA GLY B 128 9.45 -4.55 -2.18
C GLY B 128 9.77 -5.41 -3.38
N LYS B 129 10.18 -6.65 -3.18
CA LYS B 129 10.46 -7.56 -4.31
C LYS B 129 9.40 -8.67 -4.45
N GLN B 130 8.88 -8.83 -5.66
CA GLN B 130 7.97 -9.95 -5.92
C GLN B 130 8.75 -11.26 -5.68
N THR B 131 8.08 -12.29 -5.18
CA THR B 131 8.77 -13.54 -4.84
C THR B 131 8.91 -14.51 -6.00
N LEU B 132 10.09 -15.12 -6.13
CA LEU B 132 10.38 -16.06 -7.23
C LEU B 132 10.51 -17.53 -6.76
N GLU B 133 10.66 -17.72 -5.46
CA GLU B 133 10.65 -19.06 -4.88
C GLU B 133 10.37 -19.01 -3.38
CA CA C . -6.12 -20.34 -0.86
C01 44I D . -22.27 8.38 3.88
N05 44I D . -21.67 9.36 2.97
C07 44I D . -21.41 10.62 3.65
C10 44I D . -20.05 11.17 3.27
N13 44I D . -18.91 10.32 3.70
C14 44I D . -18.93 10.10 5.15
C17 44I D . -17.78 9.20 5.58
C19 44I D . -16.47 9.86 5.18
C22 44I D . -16.44 9.96 3.67
C24 44I D . -17.62 10.82 3.21
C27 44I D . -16.46 8.56 3.08
N30 44I D . -17.65 7.83 3.52
C31 44I D . -17.87 7.81 4.98
C34 44I D . -18.47 7.22 2.64
O35 44I D . -19.48 6.62 3.01
C36 44I D . -18.14 7.26 1.14
C38 44I D . -18.70 8.51 0.47
N42 44I D . -18.61 6.02 0.50
C43 44I D . -19.94 5.87 -0.14
C46 44I D . -20.13 4.36 -0.21
C49 44I D . -18.68 3.86 -0.38
N51 44I D . -18.44 2.48 0.06
S53 44I D . -17.83 1.34 -0.92
O54 44I D . -18.53 1.43 -2.16
O55 44I D . -17.86 0.13 -0.17
C56 44I D . -16.15 1.78 -1.21
C57 44I D . -15.23 1.70 -0.16
C59 44I D . -13.92 2.06 -0.35
C61 44I D . -13.47 2.51 -1.62
C62 44I D . -12.12 2.90 -1.85
C64 44I D . -11.75 3.32 -3.10
CL 44I D . -10.09 3.80 -3.38
C66 44I D . -12.66 3.40 -4.15
C68 44I D . -13.96 3.05 -3.95
C70 44I D . -14.40 2.59 -2.69
C71 44I D . -15.76 2.22 -2.45
C73 44I D . -17.86 4.89 0.40
O74 44I D . -16.73 4.75 0.83
#